data_1B7F
#
_entry.id   1B7F
#
_cell.length_a   77.900
_cell.length_b   86.800
_cell.length_c   160.400
_cell.angle_alpha   90.00
_cell.angle_beta   90.00
_cell.angle_gamma   90.00
#
_symmetry.space_group_name_H-M   'I 2 2 2'
#
loop_
_entity.id
_entity.type
_entity.pdbx_description
1 polymer "RNA (5'-R(P*GP*UP*UP*GP*UP*UP*UP*UP*UP*UP*UP*U)-3')"
2 polymer 'PROTEIN (SXL-LETHAL PROTEIN)'
3 water water
#
loop_
_entity_poly.entity_id
_entity_poly.type
_entity_poly.pdbx_seq_one_letter_code
_entity_poly.pdbx_strand_id
1 'polyribonucleotide' GUUGUUUUUUUU P,Q
2 'polypeptide(L)'
;ASNTNLIVNYLPQDMTDRELYALFRAIGPINTCRIMRDYKTGYSYGYAFVDFTSEMDSQRAIKVLNGITVRNKRLKVSYA
RPGGESIKDTNLYVTNLPRTITDDQLDTIFGKYGSIVQKNILRDKLTGRPRGVAFVRYNKREEAQEAISALNNVIPEGGS
QPLSVRLA
;
A,B
#
loop_
_chem_comp.id
_chem_comp.type
_chem_comp.name
_chem_comp.formula
G RNA linking GUANOSINE-5'-MONOPHOSPHATE 'C10 H14 N5 O8 P'
U RNA linking URIDINE-5'-MONOPHOSPHATE 'C9 H13 N2 O9 P'
#
# COMPACT_ATOMS: atom_id res chain seq x y z
N SER C 2 -0.67 32.80 13.26
CA SER C 2 0.31 31.70 13.55
C SER C 2 1.40 32.21 14.48
N ASN C 3 1.22 32.02 15.78
CA ASN C 3 2.19 32.49 16.75
C ASN C 3 2.36 31.57 17.95
N THR C 4 1.83 31.98 19.09
CA THR C 4 1.96 31.22 20.32
C THR C 4 0.74 30.36 20.65
N ASN C 5 -0.41 30.68 20.07
CA ASN C 5 -1.63 29.96 20.34
C ASN C 5 -1.75 28.64 19.58
N LEU C 6 -2.02 27.55 20.30
CA LEU C 6 -2.16 26.25 19.67
C LEU C 6 -3.54 25.69 19.92
N ILE C 7 -4.00 24.82 19.03
CA ILE C 7 -5.28 24.18 19.19
C ILE C 7 -4.98 22.69 19.24
N VAL C 8 -5.27 22.10 20.38
CA VAL C 8 -5.02 20.69 20.62
C VAL C 8 -6.27 19.87 20.32
N ASN C 9 -6.15 18.93 19.42
CA ASN C 9 -7.29 18.10 19.03
C ASN C 9 -7.18 16.62 19.40
N TYR C 10 -8.34 15.98 19.57
CA TYR C 10 -8.41 14.58 19.90
C TYR C 10 -7.89 14.32 21.31
N LEU C 11 -8.52 14.97 22.27
CA LEU C 11 -8.17 14.83 23.68
C LEU C 11 -9.14 13.80 24.25
N PRO C 12 -8.65 12.86 25.06
CA PRO C 12 -9.60 11.90 25.61
C PRO C 12 -10.59 12.69 26.49
N GLN C 13 -11.85 12.28 26.52
CA GLN C 13 -12.87 12.95 27.32
C GLN C 13 -12.48 13.14 28.79
N ASP C 14 -11.74 12.18 29.33
CA ASP C 14 -11.34 12.24 30.74
C ASP C 14 -10.01 12.94 30.99
N MET C 15 -9.62 13.84 30.10
CA MET C 15 -8.37 14.56 30.31
C MET C 15 -8.70 15.78 31.16
N THR C 16 -7.88 16.04 32.17
CA THR C 16 -8.10 17.18 33.07
C THR C 16 -7.14 18.32 32.73
N ASP C 17 -7.49 19.54 33.12
CA ASP C 17 -6.61 20.67 32.86
C ASP C 17 -5.25 20.38 33.49
N ARG C 18 -5.28 19.68 34.62
CA ARG C 18 -4.09 19.28 35.33
C ARG C 18 -3.14 18.52 34.40
N GLU C 19 -3.71 17.64 33.57
CA GLU C 19 -2.96 16.82 32.63
C GLU C 19 -2.44 17.63 31.44
N LEU C 20 -3.32 18.42 30.86
CA LEU C 20 -2.95 19.26 29.73
C LEU C 20 -1.70 20.04 30.11
N TYR C 21 -1.78 20.68 31.27
CA TYR C 21 -0.68 21.48 31.80
C TYR C 21 0.65 20.74 31.85
N ALA C 22 0.72 19.75 32.74
CA ALA C 22 1.92 18.96 32.90
C ALA C 22 2.53 18.56 31.56
N LEU C 23 1.65 18.17 30.65
CA LEU C 23 2.04 17.74 29.32
C LEU C 23 2.68 18.83 28.49
N PHE C 24 1.99 19.95 28.35
CA PHE C 24 2.49 21.06 27.55
C PHE C 24 3.48 21.94 28.29
N ARG C 25 3.38 21.96 29.61
CA ARG C 25 4.28 22.76 30.44
C ARG C 25 5.71 22.29 30.19
N ALA C 26 5.84 20.97 30.02
CA ALA C 26 7.14 20.33 29.78
C ALA C 26 7.96 20.92 28.63
N ILE C 27 7.30 21.69 27.76
CA ILE C 27 7.99 22.31 26.64
C ILE C 27 8.49 23.68 27.06
N GLY C 28 7.61 24.50 27.62
CA GLY C 28 7.99 25.83 28.04
C GLY C 28 6.88 26.40 28.86
N PRO C 29 7.07 27.60 29.43
CA PRO C 29 6.00 28.18 30.25
C PRO C 29 4.70 28.38 29.49
N ILE C 30 3.59 27.98 30.10
CA ILE C 30 2.29 28.12 29.49
C ILE C 30 1.59 29.34 30.02
N ASN C 31 0.98 30.09 29.12
CA ASN C 31 0.24 31.29 29.47
C ASN C 31 -1.14 30.86 29.93
N THR C 32 -1.80 30.07 29.09
CA THR C 32 -3.14 29.61 29.38
C THR C 32 -3.38 28.22 28.84
N CYS C 33 -4.38 27.53 29.40
CA CYS C 33 -4.73 26.16 29.01
C CYS C 33 -6.22 25.90 29.28
N ARG C 34 -7.03 25.96 28.21
CA ARG C 34 -8.49 25.78 28.29
C ARG C 34 -8.93 24.53 27.56
N ILE C 35 -9.80 23.72 28.17
CA ILE C 35 -10.26 22.48 27.55
C ILE C 35 -11.53 22.60 26.72
N MET C 36 -12.21 23.73 26.77
CA MET C 36 -13.42 23.88 25.96
C MET C 36 -14.43 22.76 26.15
N ARG C 37 -15.37 22.96 27.07
CA ARG C 37 -16.40 21.97 27.32
C ARG C 37 -17.77 22.62 27.34
N ASP C 38 -18.79 21.87 26.96
CA ASP C 38 -20.14 22.39 26.91
C ASP C 38 -20.60 22.94 28.25
N TYR C 39 -20.85 24.25 28.32
CA TYR C 39 -21.31 24.88 29.55
C TYR C 39 -22.58 24.16 30.00
N LYS C 40 -22.73 24.00 31.31
CA LYS C 40 -23.87 23.30 31.92
C LYS C 40 -23.37 21.93 32.36
N THR C 41 -23.31 21.01 31.40
CA THR C 41 -22.87 19.64 31.64
C THR C 41 -21.37 19.53 31.86
N GLY C 42 -20.61 20.47 31.28
CA GLY C 42 -19.17 20.48 31.42
C GLY C 42 -18.49 19.24 30.84
N TYR C 43 -18.90 18.85 29.65
CA TYR C 43 -18.33 17.68 29.02
C TYR C 43 -17.42 18.15 27.90
N SER C 44 -16.17 17.70 27.95
CA SER C 44 -15.12 18.06 27.00
C SER C 44 -15.54 18.01 25.53
N TYR C 45 -15.37 19.13 24.83
CA TYR C 45 -15.71 19.16 23.42
C TYR C 45 -14.61 18.42 22.68
N GLY C 46 -13.64 17.92 23.44
CA GLY C 46 -12.55 17.15 22.85
C GLY C 46 -11.37 17.91 22.29
N TYR C 47 -11.29 19.22 22.52
CA TYR C 47 -10.16 19.98 22.03
C TYR C 47 -9.80 21.07 23.02
N ALA C 48 -8.67 21.74 22.78
CA ALA C 48 -8.22 22.79 23.69
C ALA C 48 -7.24 23.75 23.05
N PHE C 49 -7.07 24.91 23.68
CA PHE C 49 -6.13 25.91 23.19
C PHE C 49 -5.02 26.03 24.21
N VAL C 50 -3.79 26.19 23.74
CA VAL C 50 -2.67 26.35 24.64
C VAL C 50 -1.82 27.52 24.18
N ASP C 51 -1.88 28.59 24.96
CA ASP C 51 -1.16 29.81 24.65
C ASP C 51 0.20 29.82 25.35
N PHE C 52 1.26 29.51 24.61
CA PHE C 52 2.60 29.51 25.21
C PHE C 52 3.08 30.95 25.32
N THR C 53 4.23 31.13 25.96
CA THR C 53 4.78 32.46 26.15
C THR C 53 5.71 32.88 25.03
N SER C 54 6.39 31.88 24.45
CA SER C 54 7.34 32.15 23.36
C SER C 54 7.01 31.40 22.08
N GLU C 55 7.05 32.13 20.97
CA GLU C 55 6.76 31.58 19.65
C GLU C 55 7.62 30.34 19.34
N MET C 56 8.75 30.23 20.02
CA MET C 56 9.67 29.11 19.84
C MET C 56 9.18 27.86 20.56
N ASP C 57 8.67 28.09 21.76
CA ASP C 57 8.17 27.01 22.59
C ASP C 57 6.94 26.42 21.93
N SER C 58 6.11 27.29 21.39
CA SER C 58 4.90 26.88 20.72
C SER C 58 5.27 25.95 19.56
N GLN C 59 6.13 26.43 18.67
CA GLN C 59 6.57 25.62 17.53
C GLN C 59 7.05 24.25 17.98
N ARG C 60 7.94 24.21 18.96
CA ARG C 60 8.47 22.96 19.46
C ARG C 60 7.41 22.01 20.03
N ALA C 61 6.34 22.58 20.60
CA ALA C 61 5.27 21.74 21.14
C ALA C 61 4.74 20.93 19.97
N ILE C 62 4.44 21.63 18.87
CA ILE C 62 3.92 20.97 17.68
C ILE C 62 4.83 19.81 17.28
N LYS C 63 6.13 20.08 17.15
CA LYS C 63 7.11 19.07 16.74
C LYS C 63 7.16 17.85 17.64
N VAL C 64 6.98 18.06 18.94
CA VAL C 64 7.07 16.97 19.90
C VAL C 64 5.78 16.31 20.35
N LEU C 65 4.75 17.12 20.58
CA LEU C 65 3.49 16.55 21.06
C LEU C 65 2.51 16.12 19.97
N ASN C 66 2.69 16.64 18.77
CA ASN C 66 1.80 16.29 17.67
C ASN C 66 1.82 14.79 17.40
N GLY C 67 0.66 14.14 17.52
CA GLY C 67 0.60 12.72 17.24
C GLY C 67 0.88 11.79 18.39
N ILE C 68 1.32 12.33 19.52
CA ILE C 68 1.60 11.49 20.68
C ILE C 68 0.31 10.87 21.16
N THR C 69 0.39 9.61 21.55
CA THR C 69 -0.79 8.90 22.03
C THR C 69 -1.00 9.14 23.51
N VAL C 70 -2.24 9.37 23.87
CA VAL C 70 -2.61 9.58 25.25
C VAL C 70 -3.77 8.65 25.42
N ARG C 71 -3.57 7.62 26.23
CA ARG C 71 -4.61 6.65 26.46
C ARG C 71 -5.12 6.10 25.13
N ASN C 72 -6.36 6.41 24.77
CA ASN C 72 -6.94 5.90 23.54
C ASN C 72 -6.76 6.74 22.28
N LYS C 73 -6.56 8.04 22.44
CA LYS C 73 -6.40 8.94 21.31
C LYS C 73 -4.97 9.32 21.01
N ARG C 74 -4.78 9.92 19.85
CA ARG C 74 -3.49 10.41 19.39
C ARG C 74 -3.75 11.91 19.26
N LEU C 75 -3.01 12.72 19.99
CA LEU C 75 -3.23 14.16 19.92
C LEU C 75 -2.83 14.75 18.58
N LYS C 76 -3.42 15.89 18.25
CA LYS C 76 -3.09 16.58 17.01
C LYS C 76 -2.91 18.01 17.45
N VAL C 77 -1.67 18.47 17.43
CA VAL C 77 -1.33 19.82 17.84
C VAL C 77 -1.01 20.66 16.60
N SER C 78 -1.57 21.86 16.53
CA SER C 78 -1.34 22.74 15.38
C SER C 78 -1.59 24.17 15.78
N TYR C 79 -1.15 25.11 14.94
CA TYR C 79 -1.35 26.52 15.24
C TYR C 79 -2.83 26.86 15.11
N ALA C 80 -3.35 27.63 16.04
CA ALA C 80 -4.74 28.02 15.96
C ALA C 80 -4.89 29.07 14.88
N ARG C 81 -6.00 29.00 14.15
CA ARG C 81 -6.30 29.97 13.11
C ARG C 81 -7.15 31.02 13.79
N PRO C 82 -7.03 32.29 13.36
CA PRO C 82 -7.84 33.35 13.99
C PRO C 82 -9.32 32.94 13.95
N GLY C 83 -10.00 33.10 15.09
CA GLY C 83 -11.41 32.74 15.14
C GLY C 83 -12.27 33.61 14.26
N GLY C 84 -13.57 33.64 14.52
CA GLY C 84 -14.45 34.47 13.72
C GLY C 84 -15.59 33.77 13.03
N GLU C 85 -16.38 34.53 12.29
CA GLU C 85 -17.52 33.99 11.56
C GLU C 85 -16.97 33.31 10.31
N SER C 86 -15.79 33.74 9.88
CA SER C 86 -15.18 33.17 8.68
C SER C 86 -14.79 31.71 8.80
N ILE C 87 -14.53 31.24 10.01
CA ILE C 87 -14.17 29.84 10.19
C ILE C 87 -15.42 28.98 10.36
N LYS C 88 -16.57 29.61 10.50
CA LYS C 88 -17.83 28.91 10.67
C LYS C 88 -18.23 28.08 9.47
N ASP C 89 -19.07 27.07 9.71
CA ASP C 89 -19.59 26.18 8.68
C ASP C 89 -18.58 25.72 7.64
N THR C 90 -17.43 25.23 8.11
CA THR C 90 -16.39 24.78 7.19
C THR C 90 -16.21 23.28 7.10
N ASN C 91 -16.98 22.53 7.89
CA ASN C 91 -16.88 21.07 7.91
C ASN C 91 -17.89 20.48 6.96
N LEU C 92 -17.38 19.68 6.00
CA LEU C 92 -18.18 19.01 4.97
C LEU C 92 -18.33 17.49 5.15
N TYR C 93 -19.51 16.98 4.84
CA TYR C 93 -19.79 15.56 4.95
C TYR C 93 -20.00 15.04 3.53
N VAL C 94 -19.00 14.36 2.98
CA VAL C 94 -19.13 13.84 1.64
C VAL C 94 -19.44 12.36 1.61
N THR C 95 -20.24 11.96 0.63
CA THR C 95 -20.63 10.56 0.48
C THR C 95 -20.75 10.20 -1.00
N ASN C 96 -20.79 8.89 -1.30
CA ASN C 96 -20.88 8.41 -2.68
C ASN C 96 -19.56 8.66 -3.41
N LEU C 97 -18.48 8.69 -2.64
CA LEU C 97 -17.14 8.88 -3.16
C LEU C 97 -16.72 7.56 -3.79
N PRO C 98 -15.89 7.62 -4.84
CA PRO C 98 -15.47 6.35 -5.44
C PRO C 98 -14.77 5.54 -4.35
N ARG C 99 -14.97 4.23 -4.36
CA ARG C 99 -14.33 3.37 -3.35
C ARG C 99 -12.83 3.18 -3.61
N THR C 100 -12.34 3.77 -4.69
CA THR C 100 -10.92 3.68 -5.03
C THR C 100 -10.24 4.98 -4.59
N ILE C 101 -10.97 5.78 -3.83
CA ILE C 101 -10.47 7.05 -3.36
C ILE C 101 -9.25 6.98 -2.44
N THR C 102 -8.42 8.02 -2.50
CA THR C 102 -7.22 8.12 -1.68
C THR C 102 -7.06 9.54 -1.16
N ASP C 103 -6.25 9.71 -0.13
CA ASP C 103 -6.02 11.03 0.45
C ASP C 103 -5.51 12.02 -0.59
N ASP C 104 -4.76 11.52 -1.57
CA ASP C 104 -4.22 12.40 -2.60
C ASP C 104 -5.25 12.83 -3.64
N GLN C 105 -6.26 12.01 -3.89
CA GLN C 105 -7.29 12.38 -4.85
C GLN C 105 -8.16 13.41 -4.16
N LEU C 106 -8.54 13.13 -2.93
CA LEU C 106 -9.33 14.07 -2.16
C LEU C 106 -8.65 15.43 -2.31
N ASP C 107 -7.35 15.47 -2.05
CA ASP C 107 -6.63 16.73 -2.15
C ASP C 107 -6.80 17.41 -3.50
N THR C 108 -6.81 16.60 -4.54
CA THR C 108 -6.96 17.12 -5.89
C THR C 108 -8.35 17.66 -6.11
N ILE C 109 -9.33 16.84 -5.80
CA ILE C 109 -10.72 17.25 -5.99
C ILE C 109 -11.13 18.45 -5.13
N PHE C 110 -11.01 18.31 -3.81
CA PHE C 110 -11.40 19.37 -2.88
C PHE C 110 -10.42 20.49 -2.63
N GLY C 111 -9.17 20.28 -2.99
CA GLY C 111 -8.17 21.31 -2.73
C GLY C 111 -8.13 22.48 -3.69
N LYS C 112 -8.98 22.50 -4.70
CA LYS C 112 -8.94 23.62 -5.61
C LYS C 112 -9.83 24.73 -5.12
N TYR C 113 -10.88 24.35 -4.39
CA TYR C 113 -11.83 25.30 -3.86
C TYR C 113 -11.40 26.08 -2.62
N GLY C 114 -10.30 25.65 -2.01
CA GLY C 114 -9.79 26.31 -0.82
C GLY C 114 -8.72 25.48 -0.17
N SER C 115 -8.32 25.84 1.06
CA SER C 115 -7.29 25.10 1.76
C SER C 115 -7.90 24.16 2.81
N ILE C 116 -7.65 22.86 2.65
CA ILE C 116 -8.17 21.84 3.57
C ILE C 116 -7.40 21.93 4.87
N VAL C 117 -8.11 21.76 5.98
CA VAL C 117 -7.50 21.84 7.30
C VAL C 117 -7.44 20.46 7.95
N GLN C 118 -8.32 19.60 7.49
CA GLN C 118 -8.40 18.25 8.00
C GLN C 118 -9.30 17.47 7.07
N LYS C 119 -8.95 16.23 6.80
CA LYS C 119 -9.75 15.38 5.92
C LYS C 119 -9.67 13.97 6.46
N ASN C 120 -10.74 13.22 6.30
CA ASN C 120 -10.74 11.86 6.80
C ASN C 120 -11.55 10.96 5.90
N ILE C 121 -10.89 9.94 5.35
CA ILE C 121 -11.55 8.98 4.50
C ILE C 121 -11.94 7.80 5.40
N LEU C 122 -13.23 7.61 5.66
CA LEU C 122 -13.68 6.51 6.51
C LEU C 122 -13.38 5.21 5.78
N ARG C 123 -12.74 4.27 6.47
CA ARG C 123 -12.39 2.98 5.88
C ARG C 123 -13.05 1.83 6.62
N ASP C 124 -13.24 0.71 5.92
CA ASP C 124 -13.83 -0.47 6.53
C ASP C 124 -12.78 -0.99 7.51
N LYS C 125 -13.18 -1.27 8.75
CA LYS C 125 -12.26 -1.79 9.76
C LYS C 125 -11.61 -3.12 9.37
N LEU C 126 -12.39 -3.98 8.71
CA LEU C 126 -11.91 -5.28 8.29
C LEU C 126 -11.01 -5.19 7.06
N THR C 127 -11.64 -4.89 5.92
CA THR C 127 -10.95 -4.76 4.65
C THR C 127 -9.93 -3.62 4.59
N GLY C 128 -10.29 -2.50 5.22
CA GLY C 128 -9.41 -1.34 5.19
C GLY C 128 -9.72 -0.53 3.94
N ARG C 129 -10.71 -1.00 3.17
CA ARG C 129 -11.12 -0.32 1.94
C ARG C 129 -12.03 0.87 2.29
N PRO C 130 -12.01 1.93 1.46
CA PRO C 130 -12.84 3.11 1.71
C PRO C 130 -14.31 2.77 1.66
N ARG C 131 -15.10 3.39 2.52
CA ARG C 131 -16.54 3.14 2.57
C ARG C 131 -17.32 4.06 1.66
N GLY C 132 -16.64 5.04 1.10
CA GLY C 132 -17.29 5.97 0.21
C GLY C 132 -17.63 7.27 0.90
N VAL C 133 -17.43 7.32 2.21
CA VAL C 133 -17.70 8.51 3.01
C VAL C 133 -16.40 9.26 3.28
N ALA C 134 -16.53 10.49 3.77
CA ALA C 134 -15.36 11.30 4.10
C ALA C 134 -15.78 12.65 4.68
N PHE C 135 -14.92 13.22 5.51
CA PHE C 135 -15.18 14.52 6.09
C PHE C 135 -14.03 15.38 5.64
N VAL C 136 -14.36 16.56 5.15
CA VAL C 136 -13.37 17.51 4.67
C VAL C 136 -13.68 18.82 5.36
N ARG C 137 -12.67 19.39 5.99
CA ARG C 137 -12.83 20.65 6.69
C ARG C 137 -11.91 21.66 6.08
N TYR C 138 -12.49 22.73 5.53
CA TYR C 138 -11.74 23.82 4.89
C TYR C 138 -11.36 24.87 5.91
N ASN C 139 -10.60 25.86 5.46
CA ASN C 139 -10.18 26.92 6.36
C ASN C 139 -11.21 28.03 6.51
N LYS C 140 -11.74 28.51 5.39
CA LYS C 140 -12.71 29.58 5.43
C LYS C 140 -14.08 29.08 5.04
N ARG C 141 -15.10 29.77 5.55
CA ARG C 141 -16.49 29.44 5.32
C ARG C 141 -16.92 29.55 3.86
N GLU C 142 -16.19 30.35 3.10
CA GLU C 142 -16.46 30.60 1.68
C GLU C 142 -15.94 29.47 0.79
N GLU C 143 -14.91 28.79 1.26
CA GLU C 143 -14.35 27.72 0.50
C GLU C 143 -15.31 26.53 0.56
N ALA C 144 -15.83 26.25 1.74
CA ALA C 144 -16.77 25.15 1.89
C ALA C 144 -17.99 25.41 1.02
N GLN C 145 -18.49 26.64 1.05
CA GLN C 145 -19.67 26.96 0.25
C GLN C 145 -19.33 26.72 -1.20
N GLU C 146 -18.16 27.18 -1.63
CA GLU C 146 -17.75 27.00 -3.01
C GLU C 146 -17.61 25.52 -3.33
N ALA C 147 -16.89 24.81 -2.48
CA ALA C 147 -16.70 23.38 -2.66
C ALA C 147 -18.06 22.74 -2.88
N ILE C 148 -19.02 23.06 -2.01
CA ILE C 148 -20.34 22.49 -2.10
C ILE C 148 -21.04 22.68 -3.44
N SER C 149 -21.14 23.92 -3.91
CA SER C 149 -21.82 24.19 -5.16
C SER C 149 -21.08 23.70 -6.38
N ALA C 150 -19.76 23.52 -6.26
CA ALA C 150 -18.99 23.02 -7.40
C ALA C 150 -19.03 21.49 -7.48
N LEU C 151 -19.10 20.81 -6.34
CA LEU C 151 -19.07 19.35 -6.33
C LEU C 151 -20.33 18.60 -6.01
N ASN C 152 -21.28 19.24 -5.35
CA ASN C 152 -22.51 18.53 -5.02
C ASN C 152 -23.17 17.98 -6.30
N ASN C 153 -23.69 16.76 -6.20
CA ASN C 153 -24.38 16.14 -7.32
C ASN C 153 -23.62 15.94 -8.63
N VAL C 154 -22.29 16.05 -8.62
CA VAL C 154 -21.54 15.81 -9.86
C VAL C 154 -20.66 14.58 -9.73
N ILE C 155 -20.38 13.94 -10.87
CA ILE C 155 -19.56 12.74 -10.85
C ILE C 155 -18.09 13.12 -10.83
N PRO C 156 -17.36 12.62 -9.82
CA PRO C 156 -15.93 12.88 -9.64
C PRO C 156 -15.13 12.07 -10.65
N GLU C 157 -13.89 12.48 -10.87
CA GLU C 157 -13.05 11.74 -11.80
C GLU C 157 -12.65 10.41 -11.19
N GLY C 158 -12.75 9.35 -11.99
CA GLY C 158 -12.42 8.03 -11.51
C GLY C 158 -13.64 7.33 -10.98
N GLY C 159 -14.74 8.07 -10.92
CA GLY C 159 -15.98 7.51 -10.42
C GLY C 159 -17.09 7.58 -11.43
N SER C 160 -18.19 6.89 -11.13
CA SER C 160 -19.34 6.84 -12.02
C SER C 160 -20.58 7.23 -11.24
N GLN C 161 -20.37 7.85 -10.08
CA GLN C 161 -21.48 8.27 -9.22
C GLN C 161 -21.35 9.72 -8.79
N PRO C 162 -22.47 10.45 -8.76
CA PRO C 162 -22.47 11.87 -8.37
C PRO C 162 -22.19 12.04 -6.88
N LEU C 163 -21.23 12.90 -6.59
CA LEU C 163 -20.86 13.18 -5.20
C LEU C 163 -22.03 13.80 -4.46
N SER C 164 -21.94 13.76 -3.14
CA SER C 164 -22.95 14.35 -2.30
C SER C 164 -22.11 15.16 -1.34
N VAL C 165 -22.28 16.48 -1.35
CA VAL C 165 -21.52 17.35 -0.45
C VAL C 165 -22.44 18.30 0.30
N ARG C 166 -22.45 18.19 1.62
CA ARG C 166 -23.28 19.05 2.44
C ARG C 166 -22.60 19.41 3.72
N LEU C 167 -23.13 20.40 4.41
CA LEU C 167 -22.59 20.81 5.69
C LEU C 167 -22.84 19.67 6.66
N ALA C 168 -21.88 19.40 7.55
CA ALA C 168 -22.02 18.34 8.53
C ALA C 168 -23.03 18.70 9.61
N SER D 2 24.16 -16.75 -10.14
CA SER D 2 24.79 -16.07 -11.32
C SER D 2 26.12 -16.74 -11.68
N ASN D 3 26.48 -17.78 -10.94
CA ASN D 3 27.72 -18.48 -11.23
C ASN D 3 27.49 -19.86 -11.81
N THR D 4 27.75 -20.89 -11.01
CA THR D 4 27.58 -22.24 -11.48
C THR D 4 26.28 -22.91 -11.05
N ASN D 5 25.59 -22.37 -10.05
CA ASN D 5 24.36 -23.00 -9.61
C ASN D 5 23.15 -22.60 -10.44
N LEU D 6 22.38 -23.60 -10.88
CA LEU D 6 21.19 -23.38 -11.70
C LEU D 6 19.97 -23.90 -10.97
N ILE D 7 18.82 -23.33 -11.29
CA ILE D 7 17.57 -23.77 -10.68
C ILE D 7 16.74 -24.20 -11.87
N VAL D 8 16.42 -25.49 -11.91
CA VAL D 8 15.65 -26.07 -12.99
C VAL D 8 14.17 -26.15 -12.59
N ASN D 9 13.30 -25.54 -13.38
CA ASN D 9 11.88 -25.49 -13.10
C ASN D 9 11.03 -26.25 -14.09
N TYR D 10 9.86 -26.69 -13.61
CA TYR D 10 8.91 -27.43 -14.44
C TYR D 10 9.44 -28.78 -14.84
N LEU D 11 9.75 -29.58 -13.84
CA LEU D 11 10.25 -30.93 -14.04
C LEU D 11 9.06 -31.84 -13.90
N PRO D 12 8.91 -32.83 -14.79
CA PRO D 12 7.75 -33.71 -14.62
C PRO D 12 7.91 -34.43 -13.28
N GLN D 13 6.80 -34.68 -12.59
CA GLN D 13 6.85 -35.34 -11.29
C GLN D 13 7.60 -36.67 -11.28
N ASP D 14 7.56 -37.39 -12.39
CA ASP D 14 8.24 -38.69 -12.46
C ASP D 14 9.67 -38.62 -13.00
N MET D 15 10.33 -37.49 -12.80
CA MET D 15 11.70 -37.35 -13.27
C MET D 15 12.57 -37.87 -12.15
N THR D 16 13.56 -38.69 -12.49
CA THR D 16 14.47 -39.27 -11.50
C THR D 16 15.80 -38.55 -11.53
N ASP D 17 16.55 -38.61 -10.44
CA ASP D 17 17.84 -37.94 -10.42
C ASP D 17 18.69 -38.50 -11.56
N ARG D 18 18.50 -39.78 -11.84
CA ARG D 18 19.22 -40.44 -12.91
C ARG D 18 19.01 -39.68 -14.21
N GLU D 19 17.79 -39.19 -14.44
CA GLU D 19 17.44 -38.43 -15.63
C GLU D 19 18.04 -37.03 -15.64
N LEU D 20 17.85 -36.31 -14.54
CA LEU D 20 18.39 -34.97 -14.44
C LEU D 20 19.87 -35.03 -14.81
N TYR D 21 20.58 -35.97 -14.20
CA TYR D 21 22.00 -36.13 -14.44
C TYR D 21 22.36 -36.30 -15.91
N ALA D 22 21.92 -37.39 -16.50
CA ALA D 22 22.19 -37.68 -17.90
C ALA D 22 21.96 -36.44 -18.76
N LEU D 23 20.86 -35.77 -18.47
CA LEU D 23 20.49 -34.58 -19.22
C LEU D 23 21.45 -33.43 -19.07
N PHE D 24 21.75 -33.03 -17.84
CA PHE D 24 22.63 -31.92 -17.63
C PHE D 24 24.11 -32.29 -17.70
N ARG D 25 24.43 -33.55 -17.44
CA ARG D 25 25.82 -33.97 -17.50
C ARG D 25 26.33 -33.81 -18.93
N ALA D 26 25.43 -33.99 -19.89
CA ALA D 26 25.77 -33.86 -21.32
C ALA D 26 26.39 -32.52 -21.69
N ILE D 27 26.29 -31.55 -20.79
CA ILE D 27 26.84 -30.22 -21.01
C ILE D 27 28.28 -30.18 -20.48
N GLY D 28 28.44 -30.59 -19.23
CA GLY D 28 29.76 -30.59 -18.62
C GLY D 28 29.65 -31.31 -17.30
N PRO D 29 30.78 -31.55 -16.61
CA PRO D 29 30.72 -32.25 -15.33
C PRO D 29 29.80 -31.57 -14.33
N ILE D 30 28.96 -32.38 -13.68
CA ILE D 30 28.02 -31.91 -12.68
C ILE D 30 28.61 -32.09 -11.29
N ASN D 31 28.49 -31.08 -10.44
CA ASN D 31 29.00 -31.21 -9.10
C ASN D 31 27.90 -31.85 -8.26
N THR D 32 26.69 -31.32 -8.36
CA THR D 32 25.56 -31.85 -7.63
C THR D 32 24.26 -31.73 -8.42
N CYS D 33 23.27 -32.54 -8.04
CA CYS D 33 21.96 -32.53 -8.67
C CYS D 33 20.90 -33.03 -7.69
N ARG D 34 20.12 -32.09 -7.15
CA ARG D 34 19.06 -32.38 -6.17
C ARG D 34 17.69 -32.05 -6.73
N ILE D 35 16.72 -32.93 -6.52
CA ILE D 35 15.39 -32.67 -7.07
C ILE D 35 14.40 -31.97 -6.13
N MET D 36 14.78 -31.75 -4.88
CA MET D 36 13.88 -31.02 -3.99
C MET D 36 12.51 -31.66 -3.91
N ARG D 37 12.35 -32.59 -2.97
CA ARG D 37 11.08 -33.25 -2.79
C ARG D 37 10.74 -33.06 -1.33
N ASP D 38 9.48 -33.25 -0.97
CA ASP D 38 9.10 -33.11 0.41
C ASP D 38 9.60 -34.38 1.10
N TYR D 39 10.59 -34.25 1.98
CA TYR D 39 11.08 -35.44 2.67
C TYR D 39 9.86 -36.09 3.30
N LYS D 40 10.03 -37.30 3.83
CA LYS D 40 8.91 -38.05 4.43
C LYS D 40 8.11 -38.76 3.33
N THR D 41 7.28 -38.01 2.62
CA THR D 41 6.46 -38.57 1.55
C THR D 41 7.29 -38.83 0.28
N GLY D 42 8.01 -37.80 -0.19
CA GLY D 42 8.83 -37.97 -1.36
C GLY D 42 8.39 -37.29 -2.63
N TYR D 43 7.19 -36.74 -2.67
CA TYR D 43 6.70 -36.08 -3.89
C TYR D 43 7.56 -34.87 -4.28
N SER D 44 7.99 -34.86 -5.54
CA SER D 44 8.82 -33.80 -6.08
C SER D 44 8.13 -32.45 -5.97
N TYR D 45 8.92 -31.42 -5.66
CA TYR D 45 8.36 -30.08 -5.57
C TYR D 45 8.36 -29.48 -6.97
N GLY D 46 8.86 -30.25 -7.92
CA GLY D 46 8.84 -29.80 -9.30
C GLY D 46 10.02 -28.97 -9.76
N TYR D 47 11.05 -28.84 -8.94
CA TYR D 47 12.20 -28.06 -9.36
C TYR D 47 13.48 -28.67 -8.79
N ALA D 48 14.62 -28.19 -9.25
CA ALA D 48 15.91 -28.72 -8.78
C ALA D 48 17.04 -27.76 -8.98
N PHE D 49 18.15 -28.04 -8.30
CA PHE D 49 19.35 -27.22 -8.43
C PHE D 49 20.44 -28.07 -9.06
N VAL D 50 21.23 -27.46 -9.93
CA VAL D 50 22.29 -28.19 -10.58
C VAL D 50 23.57 -27.37 -10.51
N ASP D 51 24.48 -27.83 -9.67
CA ASP D 51 25.75 -27.14 -9.49
C ASP D 51 26.82 -27.70 -10.43
N PHE D 52 27.13 -26.96 -11.50
CA PHE D 52 28.15 -27.37 -12.46
C PHE D 52 29.52 -27.09 -11.86
N THR D 53 30.56 -27.58 -12.53
CA THR D 53 31.92 -27.37 -12.03
C THR D 53 32.52 -26.11 -12.63
N SER D 54 32.11 -25.75 -13.84
CA SER D 54 32.63 -24.56 -14.52
C SER D 54 31.55 -23.56 -14.92
N GLU D 55 31.82 -22.28 -14.59
CA GLU D 55 30.93 -21.17 -14.88
C GLU D 55 30.50 -21.16 -16.36
N MET D 56 31.33 -21.72 -17.22
CA MET D 56 31.05 -21.76 -18.64
C MET D 56 30.06 -22.85 -19.00
N ASP D 57 30.19 -23.99 -18.33
CA ASP D 57 29.31 -25.13 -18.55
C ASP D 57 27.92 -24.74 -18.09
N SER D 58 27.86 -24.06 -16.96
CA SER D 58 26.61 -23.61 -16.39
C SER D 58 25.89 -22.76 -17.42
N GLN D 59 26.56 -21.71 -17.85
CA GLN D 59 26.03 -20.78 -18.84
C GLN D 59 25.43 -21.53 -20.03
N ARG D 60 26.23 -22.41 -20.61
CA ARG D 60 25.82 -23.19 -21.77
C ARG D 60 24.59 -24.07 -21.51
N ALA D 61 24.44 -24.55 -20.28
CA ALA D 61 23.28 -25.38 -19.96
C ALA D 61 22.05 -24.52 -20.22
N ILE D 62 22.07 -23.32 -19.67
CA ILE D 62 20.97 -22.39 -19.84
C ILE D 62 20.64 -22.25 -21.30
N LYS D 63 21.63 -21.90 -22.10
CA LYS D 63 21.39 -21.68 -23.52
C LYS D 63 20.84 -22.89 -24.28
N VAL D 64 21.18 -24.09 -23.85
CA VAL D 64 20.75 -25.30 -24.53
C VAL D 64 19.55 -26.01 -23.94
N LEU D 65 19.52 -26.10 -22.61
CA LEU D 65 18.44 -26.80 -21.94
C LEU D 65 17.21 -25.96 -21.64
N ASN D 66 17.37 -24.65 -21.59
CA ASN D 66 16.21 -23.83 -21.28
C ASN D 66 15.10 -23.97 -22.30
N GLY D 67 13.93 -24.34 -21.83
CA GLY D 67 12.81 -24.46 -22.72
C GLY D 67 12.64 -25.80 -23.40
N ILE D 68 13.61 -26.71 -23.27
CA ILE D 68 13.43 -27.99 -23.93
C ILE D 68 12.28 -28.73 -23.27
N THR D 69 11.52 -29.45 -24.08
CA THR D 69 10.40 -30.20 -23.58
C THR D 69 10.83 -31.57 -23.12
N VAL D 70 10.28 -31.96 -21.98
CA VAL D 70 10.55 -33.26 -21.40
C VAL D 70 9.16 -33.79 -21.12
N ARG D 71 8.78 -34.84 -21.84
CA ARG D 71 7.46 -35.40 -21.66
C ARG D 71 6.38 -34.31 -21.80
N ASN D 72 5.72 -33.96 -20.70
CA ASN D 72 4.65 -32.98 -20.73
C ASN D 72 5.04 -31.52 -20.49
N LYS D 73 6.14 -31.31 -19.78
CA LYS D 73 6.58 -29.96 -19.45
C LYS D 73 7.72 -29.45 -20.32
N ARG D 74 7.98 -28.14 -20.20
CA ARG D 74 9.07 -27.47 -20.89
C ARG D 74 9.92 -26.97 -19.74
N LEU D 75 11.18 -27.40 -19.70
CA LEU D 75 12.07 -26.98 -18.65
C LEU D 75 12.38 -25.49 -18.69
N LYS D 76 12.70 -24.92 -17.53
CA LYS D 76 13.08 -23.52 -17.45
C LYS D 76 14.35 -23.53 -16.61
N VAL D 77 15.48 -23.31 -17.27
CA VAL D 77 16.78 -23.30 -16.61
C VAL D 77 17.28 -21.87 -16.44
N SER D 78 17.74 -21.52 -15.24
CA SER D 78 18.22 -20.16 -15.00
C SER D 78 19.18 -20.18 -13.82
N TYR D 79 19.93 -19.09 -13.64
CA TYR D 79 20.87 -19.02 -12.53
C TYR D 79 20.11 -18.92 -11.22
N ALA D 80 20.58 -19.66 -10.22
CA ALA D 80 19.95 -19.63 -8.92
C ALA D 80 20.28 -18.31 -8.27
N ARG D 81 19.30 -17.73 -7.60
CA ARG D 81 19.54 -16.48 -6.91
C ARG D 81 19.91 -16.90 -5.50
N PRO D 82 20.80 -16.15 -4.85
CA PRO D 82 21.19 -16.50 -3.49
C PRO D 82 19.95 -16.64 -2.60
N GLY D 83 19.91 -17.71 -1.82
CA GLY D 83 18.77 -17.93 -0.95
C GLY D 83 18.63 -16.88 0.13
N GLY D 84 17.88 -17.19 1.18
CA GLY D 84 17.72 -16.25 2.27
C GLY D 84 16.30 -15.85 2.61
N GLU D 85 16.16 -14.96 3.59
CA GLU D 85 14.85 -14.49 4.00
C GLU D 85 14.41 -13.45 2.97
N SER D 86 15.36 -12.85 2.28
CA SER D 86 15.05 -11.82 1.28
C SER D 86 14.26 -12.32 0.07
N ILE D 87 14.39 -13.60 -0.24
CA ILE D 87 13.69 -14.20 -1.37
C ILE D 87 12.28 -14.65 -0.93
N LYS D 88 12.03 -14.65 0.37
CA LYS D 88 10.73 -15.06 0.90
C LYS D 88 9.59 -14.16 0.51
N ASP D 89 8.37 -14.70 0.58
CA ASP D 89 7.13 -13.98 0.27
C ASP D 89 7.21 -13.08 -0.94
N THR D 90 7.71 -13.60 -2.06
CA THR D 90 7.83 -12.78 -3.26
C THR D 90 6.84 -13.13 -4.36
N ASN D 91 5.98 -14.12 -4.12
CA ASN D 91 5.01 -14.56 -5.11
C ASN D 91 3.66 -13.89 -4.85
N LEU D 92 3.16 -13.17 -5.86
CA LEU D 92 1.90 -12.45 -5.80
C LEU D 92 0.74 -13.04 -6.64
N TYR D 93 -0.46 -13.00 -6.08
CA TYR D 93 -1.63 -13.49 -6.78
C TYR D 93 -2.52 -12.27 -7.12
N VAL D 94 -2.49 -11.87 -8.39
CA VAL D 94 -3.27 -10.73 -8.84
C VAL D 94 -4.58 -11.12 -9.51
N THR D 95 -5.63 -10.33 -9.30
CA THR D 95 -6.92 -10.60 -9.90
C THR D 95 -7.61 -9.30 -10.26
N ASN D 96 -8.66 -9.40 -11.07
CA ASN D 96 -9.40 -8.22 -11.52
C ASN D 96 -8.57 -7.39 -12.49
N LEU D 97 -7.66 -8.07 -13.17
CA LEU D 97 -6.79 -7.45 -14.15
C LEU D 97 -7.65 -7.18 -15.39
N PRO D 98 -7.33 -6.13 -16.14
CA PRO D 98 -8.18 -5.89 -17.32
C PRO D 98 -8.02 -7.10 -18.23
N ARG D 99 -9.10 -7.51 -18.90
CA ARG D 99 -9.01 -8.67 -19.77
C ARG D 99 -8.29 -8.39 -21.08
N THR D 100 -7.81 -7.17 -21.25
CA THR D 100 -7.07 -6.77 -22.44
C THR D 100 -5.58 -6.80 -22.09
N ILE D 101 -5.28 -7.35 -20.92
CA ILE D 101 -3.91 -7.42 -20.41
C ILE D 101 -2.95 -8.24 -21.28
N THR D 102 -1.68 -7.86 -21.25
CA THR D 102 -0.64 -8.54 -22.01
C THR D 102 0.63 -8.63 -21.17
N ASP D 103 1.54 -9.53 -21.53
CA ASP D 103 2.77 -9.70 -20.75
C ASP D 103 3.58 -8.41 -20.69
N ASP D 104 3.46 -7.57 -21.72
CA ASP D 104 4.18 -6.31 -21.76
C ASP D 104 3.57 -5.25 -20.84
N GLN D 105 2.26 -5.28 -20.65
CA GLN D 105 1.61 -4.34 -19.75
C GLN D 105 1.99 -4.75 -18.34
N LEU D 106 1.83 -6.02 -18.02
CA LEU D 106 2.19 -6.52 -16.71
C LEU D 106 3.58 -5.99 -16.41
N ASP D 107 4.50 -6.15 -17.34
CA ASP D 107 5.86 -5.68 -17.10
C ASP D 107 5.93 -4.18 -16.76
N THR D 108 5.08 -3.38 -17.41
CA THR D 108 5.09 -1.95 -17.15
C THR D 108 4.50 -1.66 -15.78
N ILE D 109 3.34 -2.26 -15.49
CA ILE D 109 2.67 -2.05 -14.23
C ILE D 109 3.51 -2.52 -13.05
N PHE D 110 3.83 -3.82 -13.03
CA PHE D 110 4.57 -4.40 -11.93
C PHE D 110 6.06 -4.30 -11.94
N GLY D 111 6.62 -3.94 -13.09
CA GLY D 111 8.06 -3.86 -13.16
C GLY D 111 8.72 -2.62 -12.58
N LYS D 112 7.94 -1.68 -12.08
CA LYS D 112 8.53 -0.48 -11.54
C LYS D 112 8.89 -0.69 -10.09
N TYR D 113 8.14 -1.55 -9.42
CA TYR D 113 8.36 -1.84 -8.01
C TYR D 113 9.50 -2.79 -7.70
N GLY D 114 10.06 -3.42 -8.73
CA GLY D 114 11.17 -4.35 -8.53
C GLY D 114 11.41 -5.17 -9.78
N SER D 115 12.21 -6.23 -9.68
CA SER D 115 12.48 -7.06 -10.85
C SER D 115 11.67 -8.35 -10.80
N ILE D 116 10.86 -8.57 -11.81
CA ILE D 116 10.04 -9.76 -11.89
C ILE D 116 10.91 -10.93 -12.29
N VAL D 117 10.64 -12.08 -11.68
CA VAL D 117 11.42 -13.27 -11.95
C VAL D 117 10.60 -14.28 -12.74
N GLN D 118 9.29 -14.15 -12.66
CA GLN D 118 8.38 -15.05 -13.34
C GLN D 118 7.01 -14.40 -13.30
N LYS D 119 6.28 -14.47 -14.39
CA LYS D 119 4.95 -13.90 -14.43
C LYS D 119 4.10 -14.81 -15.29
N ASN D 120 2.82 -14.93 -14.98
CA ASN D 120 1.95 -15.78 -15.77
C ASN D 120 0.55 -15.23 -15.81
N ILE D 121 0.07 -14.96 -17.01
CA ILE D 121 -1.27 -14.45 -17.23
C ILE D 121 -2.13 -15.65 -17.57
N LEU D 122 -3.02 -16.07 -16.66
CA LEU D 122 -3.88 -17.22 -16.94
C LEU D 122 -4.85 -16.86 -18.05
N ARG D 123 -4.95 -17.73 -19.05
CA ARG D 123 -5.84 -17.48 -20.16
C ARG D 123 -6.89 -18.57 -20.30
N ASP D 124 -8.00 -18.22 -20.93
CA ASP D 124 -9.05 -19.19 -21.14
C ASP D 124 -8.52 -20.22 -22.14
N LYS D 125 -8.67 -21.51 -21.83
CA LYS D 125 -8.18 -22.56 -22.71
C LYS D 125 -8.85 -22.57 -24.09
N LEU D 126 -10.13 -22.20 -24.12
CA LEU D 126 -10.87 -22.16 -25.37
C LEU D 126 -10.56 -20.90 -26.18
N THR D 127 -11.02 -19.74 -25.68
CA THR D 127 -10.79 -18.48 -26.38
C THR D 127 -9.33 -18.02 -26.38
N GLY D 128 -8.59 -18.34 -25.32
CA GLY D 128 -7.21 -17.92 -25.25
C GLY D 128 -7.14 -16.51 -24.69
N ARG D 129 -8.30 -15.97 -24.32
CA ARG D 129 -8.40 -14.64 -23.75
C ARG D 129 -8.01 -14.68 -22.28
N PRO D 130 -7.48 -13.55 -21.75
CA PRO D 130 -7.06 -13.49 -20.35
C PRO D 130 -8.28 -13.64 -19.45
N ARG D 131 -8.08 -14.31 -18.31
CA ARG D 131 -9.16 -14.53 -17.38
C ARG D 131 -9.24 -13.45 -16.32
N GLY D 132 -8.22 -12.59 -16.30
CA GLY D 132 -8.21 -11.52 -15.33
C GLY D 132 -7.30 -11.83 -14.16
N VAL D 133 -6.80 -13.06 -14.11
CA VAL D 133 -5.89 -13.50 -13.05
C VAL D 133 -4.44 -13.45 -13.53
N ALA D 134 -3.51 -13.55 -12.60
CA ALA D 134 -2.08 -13.55 -12.93
C ALA D 134 -1.24 -13.78 -11.71
N PHE D 135 -0.07 -14.37 -11.91
CA PHE D 135 0.87 -14.61 -10.82
C PHE D 135 2.11 -13.84 -11.20
N VAL D 136 2.62 -13.04 -10.26
CA VAL D 136 3.81 -12.25 -10.50
C VAL D 136 4.75 -12.59 -9.37
N ARG D 137 5.97 -12.96 -9.69
CA ARG D 137 6.93 -13.30 -8.68
C ARG D 137 8.12 -12.38 -8.84
N TYR D 138 8.38 -11.59 -7.80
CA TYR D 138 9.49 -10.64 -7.77
C TYR D 138 10.76 -11.30 -7.26
N ASN D 139 11.85 -10.55 -7.30
CA ASN D 139 13.14 -11.03 -6.85
C ASN D 139 13.32 -10.97 -5.33
N LYS D 140 13.06 -9.79 -4.77
CA LYS D 140 13.21 -9.55 -3.33
C LYS D 140 11.87 -9.40 -2.64
N ARG D 141 11.83 -9.77 -1.37
CA ARG D 141 10.63 -9.72 -0.58
C ARG D 141 10.08 -8.32 -0.36
N GLU D 142 10.94 -7.32 -0.53
CA GLU D 142 10.58 -5.90 -0.35
C GLU D 142 9.88 -5.34 -1.56
N GLU D 143 10.17 -5.94 -2.72
CA GLU D 143 9.57 -5.49 -3.95
C GLU D 143 8.11 -5.91 -3.93
N ALA D 144 7.86 -7.17 -3.55
CA ALA D 144 6.49 -7.66 -3.50
C ALA D 144 5.68 -6.82 -2.53
N GLN D 145 6.26 -6.54 -1.36
CA GLN D 145 5.60 -5.73 -0.36
C GLN D 145 5.24 -4.40 -1.00
N GLU D 146 6.22 -3.79 -1.65
CA GLU D 146 6.00 -2.51 -2.31
C GLU D 146 4.93 -2.62 -3.37
N ALA D 147 5.08 -3.60 -4.26
CA ALA D 147 4.10 -3.79 -5.32
C ALA D 147 2.71 -3.84 -4.70
N ILE D 148 2.57 -4.62 -3.65
CA ILE D 148 1.30 -4.78 -2.96
C ILE D 148 0.64 -3.47 -2.54
N SER D 149 1.37 -2.68 -1.76
CA SER D 149 0.84 -1.42 -1.26
C SER D 149 0.63 -0.37 -2.33
N ALA D 150 1.34 -0.46 -3.44
CA ALA D 150 1.17 0.53 -4.50
C ALA D 150 0.04 0.17 -5.43
N LEU D 151 -0.19 -1.12 -5.64
CA LEU D 151 -1.24 -1.53 -6.57
C LEU D 151 -2.52 -2.12 -6.02
N ASN D 152 -2.50 -2.61 -4.79
CA ASN D 152 -3.74 -3.18 -4.27
C ASN D 152 -4.86 -2.15 -4.28
N ASN D 153 -6.05 -2.62 -4.63
CA ASN D 153 -7.25 -1.79 -4.69
C ASN D 153 -7.22 -0.53 -5.56
N VAL D 154 -6.28 -0.45 -6.50
CA VAL D 154 -6.23 0.70 -7.40
C VAL D 154 -6.58 0.28 -8.83
N ILE D 155 -7.11 1.21 -9.60
CA ILE D 155 -7.48 0.92 -10.98
C ILE D 155 -6.25 1.06 -11.86
N PRO D 156 -5.89 0.00 -12.60
CA PRO D 156 -4.73 0.00 -13.49
C PRO D 156 -5.05 0.77 -14.75
N GLU D 157 -4.01 1.15 -15.49
CA GLU D 157 -4.26 1.88 -16.70
C GLU D 157 -4.82 0.93 -17.76
N GLY D 158 -5.85 1.39 -18.47
CA GLY D 158 -6.47 0.57 -19.50
C GLY D 158 -7.64 -0.19 -18.92
N GLY D 159 -7.80 -0.10 -17.60
CA GLY D 159 -8.88 -0.80 -16.94
C GLY D 159 -9.79 0.14 -16.19
N SER D 160 -10.92 -0.39 -15.76
CA SER D 160 -11.91 0.37 -15.01
C SER D 160 -12.23 -0.35 -13.69
N GLN D 161 -11.35 -1.26 -13.29
CA GLN D 161 -11.53 -2.03 -12.06
C GLN D 161 -10.28 -2.01 -11.19
N PRO D 162 -10.47 -1.87 -9.86
CA PRO D 162 -9.34 -1.85 -8.94
C PRO D 162 -8.67 -3.22 -8.84
N LEU D 163 -7.36 -3.22 -8.99
CA LEU D 163 -6.57 -4.45 -8.89
C LEU D 163 -6.69 -5.05 -7.50
N SER D 164 -6.34 -6.31 -7.40
CA SER D 164 -6.34 -7.04 -6.14
C SER D 164 -4.96 -7.69 -6.15
N VAL D 165 -4.14 -7.32 -5.17
CA VAL D 165 -2.79 -7.83 -5.08
C VAL D 165 -2.51 -8.34 -3.70
N ARG D 166 -2.27 -9.65 -3.57
CA ARG D 166 -1.97 -10.24 -2.26
C ARG D 166 -0.94 -11.35 -2.38
N LEU D 167 -0.37 -11.75 -1.26
CA LEU D 167 0.61 -12.83 -1.27
C LEU D 167 -0.16 -14.09 -1.62
N ALA D 168 0.46 -14.97 -2.40
CA ALA D 168 -0.20 -16.21 -2.81
C ALA D 168 -0.24 -17.19 -1.65
#